data_1UDC
#
_entry.id   1UDC
#
_cell.length_a   83.500
_cell.length_b   83.500
_cell.length_c   108.900
_cell.angle_alpha   90.00
_cell.angle_beta   90.00
_cell.angle_gamma   120.00
#
_symmetry.space_group_name_H-M   'P 32 2 1'
#
loop_
_entity.id
_entity.type
_entity.pdbx_description
1 polymer UDP-GALACTOSE-4-EPIMERASE
2 non-polymer 'SODIUM ION'
3 non-polymer NICOTINAMIDE-ADENINE-DINUCLEOTIDE
4 non-polymer "URIDINE-5'-DIPHOSPHATE-MANNOSE"
5 non-polymer 'TRIETHYLENE GLYCOL'
6 non-polymer 1,2-ETHANEDIOL
7 water water
#
_entity_poly.entity_id   1
_entity_poly.type   'polypeptide(L)'
_entity_poly.pdbx_seq_one_letter_code
;MRVLVTGGSGYIGSHTCVQLLQNGHDVIILDNLCNSKRSVLPVIERLGGKHPTFVEGDIRNEALMTEILHDHAIDTVIHF
AGLKAVGESVQKPLEYYDNNVNGTLRLISAMRAANVKNFIFSSSATVYGDQPKIPYVESFPTGTPQSPYGKSKLMVEQIL
TDLQKAQPDWSIALLRYFNPVGAHPSGDMGEDPQGIPNNLMPYIAQVAVGRRDSLAIFGNDYPTEDGTGVRDYIHVMDLA
DGHVVAMEKLANKPGVHIYNLGAGVGNSVLDVVNAFSKACGKPVNYHFAPRREGDLPAYWADASKADRELNWRVTRTLDE
MAQDTWHWQSRHPQGYPD
;
_entity_poly.pdbx_strand_id   A
#
# COMPACT_ATOMS: atom_id res chain seq x y z
N MET A 1 -1.62 -2.02 -21.70
CA MET A 1 -1.80 -0.59 -21.53
C MET A 1 -0.50 0.09 -21.14
N ARG A 2 -0.44 1.42 -21.32
CA ARG A 2 0.74 2.20 -20.98
C ARG A 2 0.45 2.82 -19.64
N VAL A 3 1.18 2.41 -18.62
CA VAL A 3 0.86 2.87 -17.29
C VAL A 3 2.00 3.55 -16.56
N LEU A 4 1.70 4.72 -15.97
CA LEU A 4 2.70 5.38 -15.18
C LEU A 4 2.44 4.94 -13.74
N VAL A 5 3.46 4.42 -13.07
CA VAL A 5 3.33 3.98 -11.70
C VAL A 5 4.13 4.90 -10.81
N THR A 6 3.48 5.83 -10.09
CA THR A 6 4.27 6.67 -9.25
C THR A 6 4.56 5.86 -8.01
N GLY A 7 5.71 6.11 -7.37
CA GLY A 7 6.07 5.37 -6.16
C GLY A 7 6.37 3.90 -6.53
N GLY A 8 6.58 3.66 -7.81
CA GLY A 8 6.79 2.32 -8.36
C GLY A 8 7.97 1.56 -7.81
N SER A 9 8.96 2.21 -7.22
CA SER A 9 10.10 1.49 -6.66
C SER A 9 9.92 1.17 -5.17
N GLY A 10 8.79 1.60 -4.61
CA GLY A 10 8.52 1.36 -3.21
C GLY A 10 8.00 -0.07 -3.01
N TYR A 11 7.61 -0.36 -1.78
CA TYR A 11 7.11 -1.67 -1.39
C TYR A 11 5.98 -2.21 -2.26
N ILE A 12 4.81 -1.59 -2.14
CA ILE A 12 3.66 -2.04 -2.90
C ILE A 12 3.80 -1.83 -4.40
N GLY A 13 4.35 -0.69 -4.80
CA GLY A 13 4.51 -0.40 -6.20
C GLY A 13 5.47 -1.40 -6.89
N SER A 14 6.56 -1.77 -6.25
CA SER A 14 7.48 -2.70 -6.91
C SER A 14 6.82 -4.01 -7.27
N HIS A 15 6.06 -4.55 -6.32
CA HIS A 15 5.36 -5.78 -6.55
C HIS A 15 4.30 -5.59 -7.62
N THR A 16 3.63 -4.45 -7.61
CA THR A 16 2.63 -4.23 -8.60
C THR A 16 3.23 -4.13 -9.98
N CYS A 17 4.40 -3.50 -10.07
CA CYS A 17 5.06 -3.36 -11.36
C CYS A 17 5.44 -4.75 -11.94
N VAL A 18 5.92 -5.62 -11.07
CA VAL A 18 6.24 -6.97 -11.55
C VAL A 18 5.01 -7.63 -12.17
N GLN A 19 3.86 -7.58 -11.46
CA GLN A 19 2.62 -8.17 -11.97
C GLN A 19 2.11 -7.54 -13.23
N LEU A 20 2.31 -6.22 -13.32
CA LEU A 20 1.87 -5.53 -14.52
C LEU A 20 2.69 -5.97 -15.73
N LEU A 21 4.01 -6.02 -15.54
CA LEU A 21 4.88 -6.41 -16.63
C LEU A 21 4.55 -7.86 -17.05
N GLN A 22 4.27 -8.69 -16.06
CA GLN A 22 3.92 -10.06 -16.38
C GLN A 22 2.67 -10.13 -17.20
N ASN A 23 1.88 -9.09 -17.14
CA ASN A 23 0.65 -9.12 -17.90
C ASN A 23 0.84 -8.43 -19.21
N GLY A 24 2.10 -8.07 -19.48
CA GLY A 24 2.45 -7.44 -20.76
C GLY A 24 2.18 -5.95 -20.90
N HIS A 25 1.93 -5.23 -19.80
CA HIS A 25 1.70 -3.81 -19.92
C HIS A 25 3.04 -3.12 -20.04
N ASP A 26 3.03 -1.88 -20.56
CA ASP A 26 4.22 -1.05 -20.68
C ASP A 26 4.21 -0.17 -19.44
N VAL A 27 5.26 -0.31 -18.62
CA VAL A 27 5.39 0.37 -17.34
C VAL A 27 6.50 1.41 -17.25
N ILE A 28 6.08 2.59 -16.79
CA ILE A 28 6.97 3.72 -16.56
C ILE A 28 6.89 4.01 -15.07
N ILE A 29 8.03 3.93 -14.39
CA ILE A 29 8.03 4.18 -12.97
C ILE A 29 8.54 5.56 -12.70
N LEU A 30 7.84 6.27 -11.80
CA LEU A 30 8.24 7.63 -11.37
C LEU A 30 8.44 7.59 -9.87
N ASP A 31 9.64 7.88 -9.41
CA ASP A 31 9.88 7.83 -7.99
C ASP A 31 11.01 8.78 -7.65
N ASN A 32 10.93 9.41 -6.47
CA ASN A 32 11.95 10.37 -6.06
C ASN A 32 12.98 9.74 -5.17
N LEU A 33 12.80 8.45 -4.92
CA LEU A 33 13.75 7.67 -4.13
C LEU A 33 13.93 8.10 -2.70
N CYS A 34 12.94 8.75 -2.14
CA CYS A 34 13.09 9.15 -0.76
C CYS A 34 12.93 7.98 0.18
N ASN A 35 12.22 6.96 -0.27
CA ASN A 35 12.03 5.81 0.61
C ASN A 35 12.27 4.47 -0.11
N SER A 36 13.06 4.50 -1.17
CA SER A 36 13.39 3.33 -1.96
C SER A 36 14.75 3.52 -2.64
N LYS A 37 15.32 2.44 -3.23
CA LYS A 37 16.63 2.49 -3.90
C LYS A 37 16.58 2.03 -5.33
N ARG A 38 17.45 2.59 -6.20
CA ARG A 38 17.49 2.19 -7.59
C ARG A 38 17.81 0.69 -7.72
N SER A 39 18.38 0.12 -6.66
CA SER A 39 18.74 -1.29 -6.68
C SER A 39 17.57 -2.22 -6.84
N VAL A 40 16.36 -1.73 -6.60
CA VAL A 40 15.24 -2.63 -6.82
C VAL A 40 14.89 -2.74 -8.30
N LEU A 41 15.30 -1.75 -9.09
CA LEU A 41 14.95 -1.73 -10.51
C LEU A 41 15.27 -2.99 -11.27
N PRO A 42 16.48 -3.46 -11.13
CA PRO A 42 16.86 -4.63 -11.86
C PRO A 42 16.05 -5.85 -11.44
N VAL A 43 15.65 -5.90 -10.16
CA VAL A 43 14.85 -6.98 -9.64
C VAL A 43 13.46 -6.97 -10.22
N ILE A 44 12.88 -5.77 -10.33
CA ILE A 44 11.57 -5.67 -10.94
C ILE A 44 11.58 -6.19 -12.39
N GLU A 45 12.58 -5.77 -13.17
CA GLU A 45 12.67 -6.20 -14.55
C GLU A 45 12.87 -7.71 -14.64
N ARG A 46 13.76 -8.22 -13.80
CA ARG A 46 14.01 -9.66 -13.80
C ARG A 46 12.77 -10.44 -13.45
N LEU A 47 12.19 -10.15 -12.29
CA LEU A 47 10.98 -10.83 -11.88
C LEU A 47 9.80 -10.54 -12.77
N GLY A 48 9.74 -9.33 -13.35
CA GLY A 48 8.64 -8.98 -14.21
C GLY A 48 8.81 -9.52 -15.60
N GLY A 49 10.06 -9.83 -15.95
CA GLY A 49 10.35 -10.39 -17.25
C GLY A 49 10.22 -9.42 -18.41
N LYS A 50 10.35 -8.15 -18.10
CA LYS A 50 10.22 -7.11 -19.12
C LYS A 50 10.79 -5.84 -18.52
N HIS A 51 11.28 -4.96 -19.36
CA HIS A 51 11.87 -3.76 -18.81
C HIS A 51 10.89 -2.64 -18.58
N PRO A 52 10.92 -2.09 -17.39
CA PRO A 52 10.08 -0.94 -17.04
C PRO A 52 10.95 0.32 -17.15
N THR A 53 10.43 1.37 -17.76
CA THR A 53 11.23 2.61 -17.81
C THR A 53 11.18 3.29 -16.44
N PHE A 54 12.29 3.88 -16.04
CA PHE A 54 12.37 4.55 -14.75
C PHE A 54 12.72 6.01 -14.93
N VAL A 55 11.99 6.85 -14.20
CA VAL A 55 12.24 8.27 -14.22
C VAL A 55 12.37 8.70 -12.79
N GLU A 56 13.49 9.32 -12.44
CA GLU A 56 13.67 9.80 -11.08
C GLU A 56 13.03 11.22 -11.01
N GLY A 57 12.10 11.45 -10.10
CA GLY A 57 11.47 12.78 -10.08
C GLY A 57 10.40 12.82 -9.03
N ASP A 58 9.82 14.01 -8.83
CA ASP A 58 8.83 14.20 -7.78
C ASP A 58 7.44 14.52 -8.32
N ILE A 59 6.41 13.89 -7.73
CA ILE A 59 5.03 14.11 -8.15
C ILE A 59 4.63 15.60 -7.99
N ARG A 60 5.36 16.31 -7.12
CA ARG A 60 5.06 17.72 -6.91
C ARG A 60 5.45 18.57 -8.09
N ASN A 61 6.28 18.02 -8.97
CA ASN A 61 6.73 18.72 -10.16
C ASN A 61 5.75 18.53 -11.27
N GLU A 62 4.74 19.39 -11.33
CA GLU A 62 3.70 19.26 -12.33
C GLU A 62 4.18 19.29 -13.78
N ALA A 63 5.17 20.15 -14.06
CA ALA A 63 5.66 20.30 -15.42
C ALA A 63 6.32 19.00 -15.87
N LEU A 64 7.07 18.41 -14.96
CA LEU A 64 7.72 17.12 -15.29
C LEU A 64 6.65 16.04 -15.42
N MET A 65 5.64 16.03 -14.56
CA MET A 65 4.63 15.02 -14.69
C MET A 65 3.92 15.14 -16.01
N THR A 66 3.65 16.36 -16.42
CA THR A 66 2.95 16.54 -17.66
C THR A 66 3.74 15.98 -18.83
N GLU A 67 5.03 16.28 -18.80
CA GLU A 67 5.96 15.87 -19.85
C GLU A 67 6.06 14.35 -19.95
N ILE A 68 6.15 13.70 -18.81
CA ILE A 68 6.22 12.24 -18.80
C ILE A 68 4.96 11.64 -19.39
N LEU A 69 3.81 12.13 -18.93
CA LEU A 69 2.52 11.63 -19.41
C LEU A 69 2.43 11.68 -20.91
N HIS A 70 2.82 12.82 -21.45
CA HIS A 70 2.76 13.03 -22.88
C HIS A 70 3.79 12.21 -23.62
N ASP A 71 4.98 12.32 -23.13
CA ASP A 71 6.12 11.65 -23.72
C ASP A 71 5.88 10.16 -23.84
N HIS A 72 5.26 9.55 -22.84
CA HIS A 72 5.07 8.11 -22.88
C HIS A 72 3.69 7.69 -23.27
N ALA A 73 2.89 8.61 -23.77
CA ALA A 73 1.54 8.24 -24.17
C ALA A 73 0.85 7.39 -23.11
N ILE A 74 0.90 7.84 -21.86
CA ILE A 74 0.28 7.09 -20.79
C ILE A 74 -1.25 7.00 -20.95
N ASP A 75 -1.81 5.83 -20.65
CA ASP A 75 -3.24 5.59 -20.71
C ASP A 75 -3.88 5.64 -19.33
N THR A 76 -3.09 5.22 -18.33
CA THR A 76 -3.58 5.16 -16.96
C THR A 76 -2.46 5.39 -15.97
N VAL A 77 -2.80 5.94 -14.80
CA VAL A 77 -1.80 6.21 -13.78
C VAL A 77 -2.18 5.50 -12.49
N ILE A 78 -1.20 4.79 -11.88
CA ILE A 78 -1.42 4.15 -10.60
C ILE A 78 -0.54 4.93 -9.63
N HIS A 79 -1.18 5.61 -8.65
CA HIS A 79 -0.51 6.50 -7.74
C HIS A 79 -0.22 5.98 -6.35
N PHE A 80 1.01 5.44 -6.15
CA PHE A 80 1.44 4.95 -4.86
C PHE A 80 2.35 5.92 -4.13
N ALA A 81 2.92 6.89 -4.85
CA ALA A 81 3.87 7.83 -4.25
C ALA A 81 3.25 8.69 -3.15
N GLY A 82 4.01 8.84 -2.08
CA GLY A 82 3.61 9.65 -0.94
C GLY A 82 4.41 9.28 0.30
N LEU A 83 4.13 9.98 1.39
CA LEU A 83 4.72 9.70 2.67
C LEU A 83 3.69 8.90 3.48
N LYS A 84 4.11 7.97 4.33
CA LYS A 84 3.12 7.17 5.02
C LYS A 84 3.38 6.80 6.47
N ALA A 85 4.34 7.42 7.13
CA ALA A 85 4.55 7.11 8.53
C ALA A 85 3.60 7.92 9.38
N VAL A 86 2.72 7.22 10.06
CA VAL A 86 1.71 7.82 10.93
C VAL A 86 2.29 8.72 12.01
N GLY A 87 3.16 8.19 12.84
CA GLY A 87 3.76 8.98 13.91
C GLY A 87 4.53 10.17 13.40
N GLU A 88 5.27 9.97 12.32
CA GLU A 88 6.04 11.07 11.80
C GLU A 88 5.12 12.19 11.30
N SER A 89 3.99 11.78 10.72
CA SER A 89 3.00 12.71 10.20
C SER A 89 2.51 13.62 11.32
N VAL A 90 2.43 13.12 12.55
CA VAL A 90 2.01 13.92 13.66
C VAL A 90 3.06 14.93 13.99
N GLN A 91 4.29 14.54 13.81
CA GLN A 91 5.37 15.43 14.13
C GLN A 91 5.69 16.42 13.02
N LYS A 92 5.40 16.03 11.78
CA LYS A 92 5.75 16.84 10.63
C LYS A 92 4.59 16.90 9.65
N PRO A 93 3.47 17.49 10.09
CA PRO A 93 2.29 17.55 9.27
C PRO A 93 2.45 18.17 7.89
N LEU A 94 3.19 19.27 7.80
CA LEU A 94 3.29 19.98 6.53
C LEU A 94 3.83 19.12 5.40
N GLU A 95 4.89 18.39 5.75
CA GLU A 95 5.51 17.47 4.77
C GLU A 95 4.52 16.45 4.25
N TYR A 96 3.65 15.96 5.11
CA TYR A 96 2.61 15.01 4.73
C TYR A 96 1.58 15.66 3.81
N TYR A 97 1.05 16.83 4.23
CA TYR A 97 0.07 17.48 3.37
C TYR A 97 0.68 17.87 2.01
N ASP A 98 1.96 18.30 2.06
CA ASP A 98 2.60 18.68 0.80
C ASP A 98 2.82 17.47 -0.12
N ASN A 99 3.41 16.41 0.44
CA ASN A 99 3.63 15.23 -0.42
C ASN A 99 2.37 14.50 -0.85
N ASN A 100 1.41 14.39 0.03
CA ASN A 100 0.23 13.65 -0.29
C ASN A 100 -0.87 14.44 -0.95
N VAL A 101 -1.22 15.57 -0.33
CA VAL A 101 -2.32 16.35 -0.87
C VAL A 101 -1.84 17.17 -2.06
N ASN A 102 -0.85 18.02 -1.84
CA ASN A 102 -0.37 18.79 -2.96
C ASN A 102 0.25 17.86 -4.01
N GLY A 103 0.99 16.85 -3.56
CA GLY A 103 1.58 15.94 -4.54
C GLY A 103 0.54 15.32 -5.46
N THR A 104 -0.55 14.82 -4.93
CA THR A 104 -1.55 14.23 -5.79
C THR A 104 -2.19 15.30 -6.68
N LEU A 105 -2.40 16.49 -6.11
CA LEU A 105 -3.01 17.58 -6.88
C LEU A 105 -2.15 17.98 -8.08
N ARG A 106 -0.85 18.02 -7.86
CA ARG A 106 0.03 18.38 -8.97
C ARG A 106 -0.02 17.30 -10.04
N LEU A 107 -0.02 16.06 -9.57
CA LEU A 107 -0.10 14.94 -10.52
C LEU A 107 -1.40 14.94 -11.33
N ILE A 108 -2.56 15.06 -10.69
CA ILE A 108 -3.80 15.06 -11.46
C ILE A 108 -3.94 16.33 -12.31
N SER A 109 -3.32 17.41 -11.87
CA SER A 109 -3.37 18.62 -12.69
C SER A 109 -2.59 18.38 -13.99
N ALA A 110 -1.47 17.63 -13.87
CA ALA A 110 -0.66 17.26 -15.03
C ALA A 110 -1.44 16.34 -15.95
N MET A 111 -2.16 15.41 -15.35
CA MET A 111 -3.00 14.52 -16.13
C MET A 111 -4.01 15.30 -16.96
N ARG A 112 -4.65 16.28 -16.34
CA ARG A 112 -5.66 17.08 -17.06
C ARG A 112 -4.98 17.74 -18.25
N ALA A 113 -3.82 18.28 -17.98
CA ALA A 113 -3.04 18.95 -18.99
C ALA A 113 -2.70 18.02 -20.16
N ALA A 114 -2.41 16.78 -19.84
CA ALA A 114 -2.02 15.79 -20.86
C ALA A 114 -3.16 14.94 -21.38
N ASN A 115 -4.38 15.22 -20.94
CA ASN A 115 -5.53 14.47 -21.38
C ASN A 115 -5.54 12.99 -20.95
N VAL A 116 -5.00 12.71 -19.78
CA VAL A 116 -5.02 11.35 -19.22
C VAL A 116 -6.19 11.31 -18.23
N LYS A 117 -7.10 10.33 -18.35
CA LYS A 117 -8.28 10.28 -17.51
C LYS A 117 -8.61 8.98 -16.75
N ASN A 118 -7.60 8.11 -16.57
CA ASN A 118 -7.77 6.87 -15.82
C ASN A 118 -6.78 6.91 -14.68
N PHE A 119 -7.26 6.74 -13.45
CA PHE A 119 -6.43 6.86 -12.28
C PHE A 119 -6.78 5.82 -11.23
N ILE A 120 -5.72 5.37 -10.53
CA ILE A 120 -5.88 4.43 -9.43
C ILE A 120 -5.14 5.01 -8.25
N PHE A 121 -5.83 5.20 -7.12
CA PHE A 121 -5.16 5.81 -5.97
C PHE A 121 -5.00 4.88 -4.80
N SER A 122 -3.79 4.92 -4.21
CA SER A 122 -3.52 4.17 -3.00
C SER A 122 -4.22 4.82 -1.81
N SER A 123 -5.38 4.33 -1.42
CA SER A 123 -6.08 4.86 -0.27
C SER A 123 -5.89 3.95 0.94
N SER A 124 -6.65 4.14 2.04
CA SER A 124 -6.50 3.37 3.26
C SER A 124 -7.75 3.28 4.08
N ALA A 125 -7.89 2.22 4.85
CA ALA A 125 -9.03 2.03 5.71
C ALA A 125 -9.04 3.08 6.78
N THR A 126 -7.95 3.83 6.88
CA THR A 126 -7.89 4.93 7.85
C THR A 126 -9.05 5.89 7.60
N VAL A 127 -9.51 5.98 6.35
CA VAL A 127 -10.59 6.89 5.96
C VAL A 127 -11.91 6.59 6.64
N TYR A 128 -12.10 5.38 7.16
CA TYR A 128 -13.34 5.08 7.83
C TYR A 128 -13.41 5.74 9.20
N GLY A 129 -12.24 6.14 9.69
CA GLY A 129 -12.14 6.75 11.01
C GLY A 129 -12.49 5.74 12.12
N ASP A 130 -12.96 6.28 13.23
CA ASP A 130 -13.36 5.51 14.43
C ASP A 130 -14.76 4.95 14.22
N GLN A 131 -14.80 3.93 13.36
CA GLN A 131 -16.04 3.25 13.01
C GLN A 131 -16.21 1.99 13.85
N PRO A 132 -17.24 1.99 14.70
CA PRO A 132 -17.54 0.86 15.57
C PRO A 132 -18.05 -0.35 14.77
N LYS A 133 -18.73 -0.07 13.67
CA LYS A 133 -19.26 -1.10 12.77
C LYS A 133 -18.16 -1.75 11.94
N ILE A 134 -17.94 -3.05 12.20
CA ILE A 134 -16.93 -3.81 11.49
C ILE A 134 -17.59 -5.09 11.01
N PRO A 135 -17.24 -5.61 9.84
CA PRO A 135 -16.20 -5.09 8.98
C PRO A 135 -16.63 -3.79 8.29
N TYR A 136 -15.66 -3.09 7.75
CA TYR A 136 -15.88 -1.85 7.07
C TYR A 136 -16.32 -2.12 5.66
N VAL A 137 -17.36 -1.40 5.25
CA VAL A 137 -17.97 -1.53 3.93
C VAL A 137 -17.89 -0.21 3.20
N GLU A 138 -17.64 -0.28 1.90
CA GLU A 138 -17.51 0.93 1.07
C GLU A 138 -18.74 1.85 1.12
N SER A 139 -19.89 1.29 1.50
CA SER A 139 -21.10 2.07 1.60
C SER A 139 -21.16 2.88 2.89
N PHE A 140 -20.22 2.68 3.81
CA PHE A 140 -20.23 3.46 5.04
C PHE A 140 -19.71 4.87 4.76
N PRO A 141 -20.26 5.87 5.42
CA PRO A 141 -19.73 7.22 5.22
C PRO A 141 -18.36 7.24 5.84
N THR A 142 -17.46 8.06 5.30
CA THR A 142 -16.11 8.15 5.87
C THR A 142 -16.19 8.86 7.24
N GLY A 143 -15.13 8.76 8.00
CA GLY A 143 -15.03 9.35 9.33
C GLY A 143 -13.91 10.38 9.39
N THR A 144 -13.36 10.56 10.56
CA THR A 144 -12.28 11.51 10.69
C THR A 144 -11.03 10.82 11.17
N PRO A 145 -10.04 10.67 10.27
CA PRO A 145 -8.79 10.03 10.65
C PRO A 145 -8.11 10.86 11.71
N GLN A 146 -7.36 10.21 12.57
CA GLN A 146 -6.69 10.87 13.67
C GLN A 146 -5.27 11.32 13.45
N SER A 147 -4.72 11.18 12.25
CA SER A 147 -3.34 11.62 12.05
C SER A 147 -3.33 12.43 10.79
N PRO A 148 -2.30 13.27 10.62
CA PRO A 148 -2.22 14.05 9.40
C PRO A 148 -2.15 13.12 8.18
N TYR A 149 -1.44 11.98 8.35
CA TYR A 149 -1.38 11.02 7.28
C TYR A 149 -2.76 10.55 6.88
N GLY A 150 -3.54 10.05 7.85
CA GLY A 150 -4.87 9.55 7.55
C GLY A 150 -5.72 10.65 6.93
N LYS A 151 -5.63 11.86 7.47
CA LYS A 151 -6.44 12.97 6.93
C LYS A 151 -6.06 13.24 5.49
N SER A 152 -4.75 13.21 5.23
CA SER A 152 -4.30 13.49 3.88
C SER A 152 -4.89 12.54 2.87
N LYS A 153 -5.09 11.24 3.26
CA LYS A 153 -5.67 10.28 2.33
C LYS A 153 -7.14 10.55 2.06
N LEU A 154 -7.87 10.91 3.12
CA LEU A 154 -9.28 11.26 2.96
C LEU A 154 -9.42 12.55 2.15
N MET A 155 -8.53 13.52 2.39
CA MET A 155 -8.61 14.77 1.57
C MET A 155 -8.45 14.46 0.10
N VAL A 156 -7.46 13.61 -0.21
CA VAL A 156 -7.24 13.23 -1.61
C VAL A 156 -8.46 12.51 -2.19
N GLU A 157 -9.06 11.61 -1.42
CA GLU A 157 -10.22 10.93 -1.95
C GLU A 157 -11.29 11.94 -2.32
N GLN A 158 -11.45 12.97 -1.46
CA GLN A 158 -12.46 14.01 -1.70
C GLN A 158 -12.17 14.84 -2.92
N ILE A 159 -10.92 15.25 -3.07
CA ILE A 159 -10.52 16.05 -4.23
C ILE A 159 -10.72 15.25 -5.51
N LEU A 160 -10.36 13.97 -5.47
CA LEU A 160 -10.53 13.13 -6.64
C LEU A 160 -12.01 12.98 -7.01
N THR A 161 -12.84 12.83 -5.99
CA THR A 161 -14.26 12.69 -6.22
C THR A 161 -14.81 13.97 -6.85
N ASP A 162 -14.38 15.12 -6.37
CA ASP A 162 -14.89 16.37 -6.96
C ASP A 162 -14.38 16.54 -8.38
N LEU A 163 -13.12 16.12 -8.60
CA LEU A 163 -12.59 16.19 -9.93
C LEU A 163 -13.39 15.33 -10.90
N GLN A 164 -13.73 14.12 -10.47
CA GLN A 164 -14.49 13.26 -11.37
C GLN A 164 -15.85 13.87 -11.70
N LYS A 165 -16.46 14.51 -10.70
CA LYS A 165 -17.77 15.14 -10.91
C LYS A 165 -17.66 16.25 -11.97
N ALA A 166 -16.56 16.99 -11.93
CA ALA A 166 -16.29 18.06 -12.86
C ALA A 166 -15.84 17.61 -14.21
N GLN A 167 -15.21 16.41 -14.27
CA GLN A 167 -14.72 15.88 -15.54
C GLN A 167 -15.17 14.44 -15.57
N PRO A 168 -16.44 14.25 -15.86
CA PRO A 168 -17.13 12.99 -15.77
C PRO A 168 -16.64 11.85 -16.66
N ASP A 169 -15.69 12.15 -17.55
CA ASP A 169 -15.18 11.07 -18.38
C ASP A 169 -14.08 10.31 -17.66
N TRP A 170 -13.64 10.84 -16.53
CA TRP A 170 -12.58 10.20 -15.81
C TRP A 170 -13.05 8.91 -15.12
N SER A 171 -12.13 7.96 -15.01
CA SER A 171 -12.36 6.72 -14.28
C SER A 171 -11.34 6.75 -13.12
N ILE A 172 -11.82 6.82 -11.87
CA ILE A 172 -10.90 6.88 -10.75
C ILE A 172 -11.23 5.81 -9.74
N ALA A 173 -10.22 4.99 -9.43
CA ALA A 173 -10.41 3.94 -8.42
C ALA A 173 -9.80 4.38 -7.11
N LEU A 174 -10.57 4.28 -6.04
CA LEU A 174 -10.09 4.59 -4.72
C LEU A 174 -9.92 3.23 -4.05
N LEU A 175 -8.68 2.74 -4.00
CA LEU A 175 -8.41 1.43 -3.39
C LEU A 175 -8.00 1.55 -1.97
N ARG A 176 -8.89 1.15 -1.06
CA ARG A 176 -8.60 1.28 0.34
C ARG A 176 -7.85 0.08 0.89
N TYR A 177 -6.56 0.25 1.15
CA TYR A 177 -5.78 -0.86 1.67
C TYR A 177 -5.98 -1.04 3.15
N PHE A 178 -5.94 -2.30 3.57
CA PHE A 178 -5.98 -2.64 4.97
C PHE A 178 -4.52 -2.76 5.44
N ASN A 179 -3.97 -3.96 5.81
CA ASN A 179 -2.56 -4.03 6.25
C ASN A 179 -1.67 -4.89 5.34
N PRO A 180 -1.00 -4.26 4.38
CA PRO A 180 -0.12 -4.95 3.42
C PRO A 180 1.10 -5.54 4.10
N VAL A 181 1.32 -6.83 3.81
CA VAL A 181 2.44 -7.57 4.36
C VAL A 181 2.86 -8.60 3.34
N GLY A 182 4.00 -9.23 3.57
CA GLY A 182 4.42 -10.26 2.64
C GLY A 182 5.49 -9.77 1.70
N ALA A 183 5.92 -10.66 0.79
CA ALA A 183 6.98 -10.33 -0.15
C ALA A 183 6.85 -11.27 -1.32
N HIS A 184 7.50 -10.90 -2.42
CA HIS A 184 7.43 -11.77 -3.57
C HIS A 184 7.98 -13.15 -3.17
N PRO A 185 7.35 -14.20 -3.67
CA PRO A 185 7.74 -15.58 -3.34
C PRO A 185 9.19 -15.94 -3.64
N SER A 186 9.83 -15.17 -4.52
CA SER A 186 11.21 -15.41 -4.81
C SER A 186 12.12 -15.09 -3.64
N GLY A 187 11.66 -14.26 -2.70
CA GLY A 187 12.49 -13.87 -1.56
C GLY A 187 13.51 -12.83 -1.97
N ASP A 188 13.38 -12.35 -3.19
CA ASP A 188 14.32 -11.36 -3.73
C ASP A 188 13.76 -9.94 -3.83
N MET A 189 12.51 -9.76 -3.41
CA MET A 189 11.87 -8.44 -3.39
C MET A 189 10.98 -8.42 -2.17
N GLY A 190 10.90 -7.29 -1.47
CA GLY A 190 10.04 -7.23 -0.29
C GLY A 190 10.05 -5.82 0.27
N GLU A 191 9.55 -5.67 1.49
CA GLU A 191 9.56 -4.36 2.12
C GLU A 191 10.93 -4.06 2.72
N ASP A 192 11.47 -2.90 2.44
CA ASP A 192 12.79 -2.55 2.97
C ASP A 192 12.76 -1.21 3.74
N PRO A 193 12.12 -1.20 4.89
CA PRO A 193 12.04 0.03 5.66
C PRO A 193 13.41 0.46 6.17
N GLN A 194 13.60 1.77 6.29
CA GLN A 194 14.84 2.32 6.81
C GLN A 194 14.59 2.72 8.24
N GLY A 195 15.50 2.32 9.10
CA GLY A 195 15.34 2.64 10.50
C GLY A 195 14.32 1.73 11.15
N ILE A 196 13.73 2.24 12.22
CA ILE A 196 12.77 1.49 12.97
C ILE A 196 11.51 1.22 12.18
N PRO A 197 11.15 -0.04 11.95
CA PRO A 197 9.91 -0.25 11.21
C PRO A 197 8.69 0.06 12.07
N ASN A 198 7.71 0.73 11.47
CA ASN A 198 6.53 1.11 12.23
C ASN A 198 5.45 0.05 12.24
N ASN A 199 5.40 -0.74 11.18
CA ASN A 199 4.40 -1.80 11.11
C ASN A 199 4.83 -3.10 11.82
N LEU A 200 3.83 -3.88 12.20
CA LEU A 200 3.99 -5.16 12.93
C LEU A 200 4.88 -6.20 12.27
N MET A 201 4.54 -6.58 11.04
CA MET A 201 5.29 -7.58 10.30
C MET A 201 6.78 -7.37 10.18
N PRO A 202 7.25 -6.22 9.68
CA PRO A 202 8.69 -5.96 9.55
C PRO A 202 9.37 -5.91 10.93
N TYR A 203 8.64 -5.39 11.90
CA TYR A 203 9.22 -5.32 13.23
C TYR A 203 9.52 -6.73 13.74
N ILE A 204 8.53 -7.60 13.59
CA ILE A 204 8.65 -9.00 13.97
C ILE A 204 9.81 -9.64 13.20
N ALA A 205 9.89 -9.36 11.90
CA ALA A 205 10.97 -9.89 11.09
C ALA A 205 12.36 -9.48 11.56
N GLN A 206 12.50 -8.23 12.02
CA GLN A 206 13.78 -7.74 12.50
C GLN A 206 14.16 -8.32 13.82
N VAL A 207 13.13 -8.69 14.60
CA VAL A 207 13.34 -9.34 15.89
C VAL A 207 13.87 -10.75 15.59
N ALA A 208 13.20 -11.38 14.62
CA ALA A 208 13.58 -12.72 14.19
C ALA A 208 14.99 -12.84 13.59
N VAL A 209 15.40 -11.84 12.80
CA VAL A 209 16.69 -11.82 12.16
C VAL A 209 17.82 -11.50 13.14
N GLY A 210 17.44 -11.12 14.36
CA GLY A 210 18.37 -10.82 15.43
C GLY A 210 18.83 -9.39 15.50
N ARG A 211 18.13 -8.52 14.79
CA ARG A 211 18.48 -7.10 14.81
C ARG A 211 17.88 -6.42 16.03
N ARG A 212 16.68 -6.91 16.43
CA ARG A 212 15.92 -6.36 17.55
C ARG A 212 15.72 -7.34 18.67
N ASP A 213 15.53 -6.81 19.87
CA ASP A 213 15.39 -7.66 21.03
C ASP A 213 14.07 -8.38 21.08
N SER A 214 13.05 -7.58 21.28
CA SER A 214 11.72 -8.07 21.51
C SER A 214 10.64 -7.20 20.91
N LEU A 215 9.60 -7.88 20.46
CA LEU A 215 8.45 -7.22 19.89
C LEU A 215 7.58 -6.68 21.00
N ALA A 216 7.34 -5.36 20.98
CA ALA A 216 6.47 -4.77 21.98
C ALA A 216 5.06 -4.88 21.44
N ILE A 217 4.24 -5.59 22.16
CA ILE A 217 2.86 -5.76 21.76
C ILE A 217 2.04 -4.67 22.44
N PHE A 218 1.58 -3.75 21.62
CA PHE A 218 0.89 -2.59 22.14
C PHE A 218 -0.47 -2.90 22.73
N GLY A 219 -0.53 -3.28 24.01
CA GLY A 219 -1.83 -3.58 24.61
C GLY A 219 -2.27 -5.05 24.66
N ASN A 220 -2.75 -5.51 25.80
CA ASN A 220 -3.21 -6.88 25.88
C ASN A 220 -4.54 -6.93 26.56
N ASP A 221 -5.17 -5.74 26.69
CA ASP A 221 -6.45 -5.61 27.37
C ASP A 221 -7.62 -5.23 26.46
N TYR A 222 -7.45 -5.42 25.16
CA TYR A 222 -8.50 -5.09 24.21
C TYR A 222 -9.62 -6.11 24.33
N PRO A 223 -10.83 -5.74 23.95
CA PRO A 223 -11.99 -6.64 23.99
C PRO A 223 -11.99 -7.58 22.81
N THR A 224 -10.88 -8.23 22.64
CA THR A 224 -10.74 -9.16 21.55
C THR A 224 -10.53 -10.54 22.13
N GLU A 225 -10.58 -11.53 21.28
CA GLU A 225 -10.40 -12.85 21.80
C GLU A 225 -9.13 -13.14 22.62
N ASP A 226 -7.99 -12.56 22.28
CA ASP A 226 -6.81 -12.82 23.07
C ASP A 226 -6.31 -11.55 23.74
N GLY A 227 -7.10 -10.46 23.65
CA GLY A 227 -6.70 -9.19 24.27
C GLY A 227 -5.78 -8.32 23.43
N THR A 228 -5.28 -8.82 22.29
CA THR A 228 -4.38 -8.04 21.45
C THR A 228 -5.16 -7.48 20.27
N GLY A 229 -4.64 -6.46 19.59
CA GLY A 229 -5.36 -5.83 18.49
C GLY A 229 -5.59 -6.78 17.32
N VAL A 230 -6.70 -6.61 16.64
CA VAL A 230 -7.07 -7.41 15.48
C VAL A 230 -7.16 -6.56 14.23
N ARG A 231 -6.54 -7.05 13.15
CA ARG A 231 -6.49 -6.35 11.87
C ARG A 231 -6.61 -7.30 10.69
N ASP A 232 -6.76 -6.71 9.51
CA ASP A 232 -6.88 -7.41 8.26
C ASP A 232 -5.56 -7.32 7.52
N TYR A 233 -4.81 -8.43 7.50
CA TYR A 233 -3.53 -8.46 6.82
C TYR A 233 -3.72 -9.02 5.44
N ILE A 234 -3.14 -8.36 4.45
CA ILE A 234 -3.27 -8.79 3.06
C ILE A 234 -1.92 -8.89 2.40
N HIS A 235 -1.66 -10.03 1.73
CA HIS A 235 -0.39 -10.25 1.09
C HIS A 235 -0.18 -9.25 -0.02
N VAL A 236 1.00 -8.66 -0.04
CA VAL A 236 1.35 -7.69 -1.07
C VAL A 236 1.16 -8.20 -2.49
N MET A 237 1.27 -9.53 -2.69
CA MET A 237 1.07 -10.06 -4.04
C MET A 237 -0.39 -10.05 -4.42
N ASP A 238 -1.26 -10.29 -3.43
CA ASP A 238 -2.70 -10.25 -3.68
C ASP A 238 -3.09 -8.77 -3.97
N LEU A 239 -2.46 -7.87 -3.20
CA LEU A 239 -2.71 -6.44 -3.43
C LEU A 239 -2.27 -6.06 -4.85
N ALA A 240 -1.06 -6.49 -5.24
CA ALA A 240 -0.54 -6.24 -6.55
C ALA A 240 -1.51 -6.72 -7.61
N ASP A 241 -1.95 -7.96 -7.50
CA ASP A 241 -2.88 -8.51 -8.47
C ASP A 241 -4.17 -7.68 -8.55
N GLY A 242 -4.66 -7.21 -7.39
CA GLY A 242 -5.87 -6.43 -7.37
C GLY A 242 -5.73 -5.12 -8.15
N HIS A 243 -4.53 -4.55 -8.14
CA HIS A 243 -4.26 -3.32 -8.85
C HIS A 243 -4.26 -3.56 -10.34
N VAL A 244 -3.69 -4.70 -10.76
CA VAL A 244 -3.68 -5.03 -12.18
C VAL A 244 -5.10 -5.21 -12.71
N VAL A 245 -5.92 -5.95 -11.94
CA VAL A 245 -7.29 -6.17 -12.35
C VAL A 245 -8.09 -4.87 -12.34
N ALA A 246 -7.95 -4.11 -11.29
CA ALA A 246 -8.68 -2.84 -11.23
C ALA A 246 -8.29 -1.99 -12.42
N MET A 247 -6.98 -1.89 -12.70
CA MET A 247 -6.52 -1.13 -13.84
C MET A 247 -7.10 -1.61 -15.16
N GLU A 248 -7.07 -2.92 -15.38
CA GLU A 248 -7.58 -3.45 -16.62
C GLU A 248 -9.10 -3.37 -16.71
N LYS A 249 -9.80 -3.65 -15.65
CA LYS A 249 -11.23 -3.62 -15.81
C LYS A 249 -11.88 -2.25 -15.72
N LEU A 250 -11.24 -1.28 -15.06
CA LEU A 250 -11.89 0.00 -14.88
C LEU A 250 -11.47 1.06 -15.87
N ALA A 251 -10.42 0.79 -16.61
CA ALA A 251 -9.95 1.76 -17.59
C ALA A 251 -11.09 2.19 -18.49
N ASN A 252 -11.28 3.50 -18.64
CA ASN A 252 -12.31 4.02 -19.51
C ASN A 252 -13.73 3.79 -19.07
N LYS A 253 -13.88 3.38 -17.83
CA LYS A 253 -15.20 3.17 -17.27
C LYS A 253 -15.40 4.34 -16.28
N PRO A 254 -16.09 5.36 -16.75
CA PRO A 254 -16.32 6.55 -15.95
C PRO A 254 -16.98 6.29 -14.61
N GLY A 255 -16.46 7.01 -13.60
CA GLY A 255 -16.95 6.94 -12.24
C GLY A 255 -15.83 6.96 -11.22
N VAL A 256 -16.27 6.93 -9.96
CA VAL A 256 -15.37 6.86 -8.82
C VAL A 256 -15.66 5.47 -8.24
N HIS A 257 -14.74 4.56 -8.46
CA HIS A 257 -14.90 3.14 -8.06
C HIS A 257 -14.14 2.88 -6.78
N ILE A 258 -14.87 2.69 -5.68
CA ILE A 258 -14.23 2.51 -4.40
C ILE A 258 -14.26 1.05 -3.97
N TYR A 259 -13.08 0.53 -3.66
CA TYR A 259 -12.98 -0.86 -3.23
C TYR A 259 -12.05 -1.02 -2.05
N ASN A 260 -12.52 -1.77 -1.07
CA ASN A 260 -11.66 -2.15 0.03
C ASN A 260 -10.79 -3.31 -0.49
N LEU A 261 -9.50 -3.28 -0.21
CA LEU A 261 -8.61 -4.38 -0.60
C LEU A 261 -8.07 -4.96 0.69
N GLY A 262 -8.66 -6.06 1.11
CA GLY A 262 -8.27 -6.74 2.33
C GLY A 262 -8.61 -8.21 2.19
N ALA A 263 -8.24 -9.01 3.16
CA ALA A 263 -8.54 -10.46 3.18
C ALA A 263 -9.97 -10.71 3.65
N GLY A 264 -10.52 -9.75 4.41
CA GLY A 264 -11.88 -9.95 4.83
C GLY A 264 -12.00 -10.71 6.12
N VAL A 265 -10.88 -10.82 6.84
CA VAL A 265 -10.88 -11.48 8.11
C VAL A 265 -9.84 -10.81 8.98
N GLY A 266 -10.04 -10.94 10.29
CA GLY A 266 -9.11 -10.33 11.20
C GLY A 266 -8.20 -11.36 11.84
N ASN A 267 -6.99 -10.94 12.22
CA ASN A 267 -6.00 -11.74 12.91
C ASN A 267 -5.42 -10.85 13.99
N SER A 268 -5.15 -11.42 15.16
CA SER A 268 -4.59 -10.66 16.26
C SER A 268 -3.08 -10.54 16.16
N VAL A 269 -2.49 -9.74 17.05
CA VAL A 269 -1.05 -9.58 17.06
C VAL A 269 -0.44 -10.96 17.35
N LEU A 270 -1.02 -11.70 18.31
CA LEU A 270 -0.51 -13.03 18.68
C LEU A 270 -0.60 -13.98 17.52
N ASP A 271 -1.72 -13.92 16.79
CA ASP A 271 -1.87 -14.74 15.60
C ASP A 271 -0.71 -14.53 14.61
N VAL A 272 -0.39 -13.24 14.38
CA VAL A 272 0.70 -12.92 13.48
C VAL A 272 2.04 -13.42 14.01
N VAL A 273 2.32 -13.15 15.28
CA VAL A 273 3.57 -13.59 15.93
C VAL A 273 3.73 -15.11 15.77
N ASN A 274 2.66 -15.82 16.11
CA ASN A 274 2.64 -17.28 16.03
C ASN A 274 2.92 -17.77 14.63
N ALA A 275 2.32 -17.13 13.64
CA ALA A 275 2.61 -17.49 12.27
C ALA A 275 4.09 -17.27 11.91
N PHE A 276 4.66 -16.17 12.38
CA PHE A 276 6.03 -15.89 12.08
C PHE A 276 6.96 -16.88 12.80
N SER A 277 6.67 -17.22 14.07
CA SER A 277 7.53 -18.13 14.81
C SER A 277 7.61 -19.44 14.04
N LYS A 278 6.45 -19.83 13.54
CA LYS A 278 6.35 -21.03 12.73
C LYS A 278 7.21 -20.90 11.49
N ALA A 279 7.04 -19.81 10.76
CA ALA A 279 7.84 -19.61 9.56
C ALA A 279 9.35 -19.56 9.75
N CYS A 280 9.86 -18.91 10.79
CA CYS A 280 11.29 -18.75 11.00
C CYS A 280 12.00 -19.86 11.78
N GLY A 281 11.23 -20.79 12.36
CA GLY A 281 11.75 -21.91 13.10
C GLY A 281 12.21 -21.66 14.52
N LYS A 282 11.78 -20.56 15.12
CA LYS A 282 12.17 -20.25 16.49
C LYS A 282 11.11 -19.32 17.06
N PRO A 283 10.88 -19.40 18.34
CA PRO A 283 9.91 -18.52 18.92
C PRO A 283 10.34 -17.05 18.80
N VAL A 284 9.43 -16.22 18.32
CA VAL A 284 9.68 -14.78 18.21
C VAL A 284 9.59 -14.17 19.61
N ASN A 285 10.63 -13.43 20.06
CA ASN A 285 10.55 -12.84 21.38
C ASN A 285 9.58 -11.66 21.40
N TYR A 286 8.81 -11.55 22.47
CA TYR A 286 7.89 -10.45 22.57
C TYR A 286 7.49 -10.18 24.00
N HIS A 287 6.98 -8.96 24.21
CA HIS A 287 6.49 -8.56 25.53
C HIS A 287 5.26 -7.71 25.35
N PHE A 288 4.52 -7.51 26.44
CA PHE A 288 3.33 -6.65 26.36
C PHE A 288 3.65 -5.24 26.82
N ALA A 289 3.28 -4.23 26.05
CA ALA A 289 3.57 -2.84 26.41
C ALA A 289 2.24 -2.11 26.48
N PRO A 290 2.24 -0.82 26.77
CA PRO A 290 0.96 -0.17 26.83
C PRO A 290 0.34 -0.02 25.43
N ARG A 291 -0.98 0.18 25.39
CA ARG A 291 -1.68 0.43 24.14
C ARG A 291 -1.08 1.62 23.43
N ARG A 292 -1.05 1.57 22.10
CA ARG A 292 -0.47 2.63 21.29
C ARG A 292 -1.52 3.71 21.21
N GLU A 293 -1.10 4.94 21.32
CA GLU A 293 -2.03 6.04 21.27
C GLU A 293 -2.97 6.01 20.05
N GLY A 294 -4.31 5.98 20.24
CA GLY A 294 -5.25 6.04 19.11
C GLY A 294 -5.63 4.78 18.34
N ASP A 295 -5.00 3.66 18.63
CA ASP A 295 -5.30 2.44 17.94
C ASP A 295 -6.67 1.92 18.29
N LEU A 296 -7.36 1.35 17.32
CA LEU A 296 -8.61 0.75 17.70
C LEU A 296 -8.32 -0.73 18.04
N PRO A 297 -9.25 -1.35 18.73
CA PRO A 297 -9.11 -2.74 19.14
C PRO A 297 -9.17 -3.73 18.01
N ALA A 298 -10.17 -3.57 17.16
CA ALA A 298 -10.33 -4.51 16.06
C ALA A 298 -11.08 -3.99 14.85
N TYR A 299 -10.59 -4.28 13.66
CA TYR A 299 -11.31 -3.94 12.43
C TYR A 299 -10.74 -4.76 11.28
N TRP A 300 -11.57 -5.01 10.26
CA TRP A 300 -11.12 -5.73 9.07
C TRP A 300 -12.02 -5.32 7.92
N ALA A 301 -11.67 -5.69 6.71
CA ALA A 301 -12.47 -5.30 5.58
C ALA A 301 -13.61 -6.24 5.25
N ASP A 302 -14.62 -5.66 4.62
CA ASP A 302 -15.68 -6.41 4.00
C ASP A 302 -15.22 -6.28 2.54
N ALA A 303 -14.74 -7.39 1.92
CA ALA A 303 -14.22 -7.33 0.54
C ALA A 303 -15.18 -7.91 -0.50
N SER A 304 -16.46 -8.01 -0.13
CA SER A 304 -17.42 -8.58 -1.06
C SER A 304 -17.55 -7.82 -2.36
N LYS A 305 -17.52 -6.49 -2.26
CA LYS A 305 -17.70 -5.68 -3.47
C LYS A 305 -16.66 -5.94 -4.54
N ALA A 306 -15.40 -6.00 -4.13
CA ALA A 306 -14.35 -6.24 -5.12
C ALA A 306 -14.53 -7.64 -5.70
N ASP A 307 -14.96 -8.60 -4.86
CA ASP A 307 -15.17 -9.96 -5.39
C ASP A 307 -16.26 -9.93 -6.46
N ARG A 308 -17.38 -9.33 -6.08
CA ARG A 308 -18.50 -9.27 -6.96
C ARG A 308 -18.22 -8.52 -8.24
N GLU A 309 -17.68 -7.31 -8.11
CA GLU A 309 -17.49 -6.46 -9.28
C GLU A 309 -16.26 -6.67 -10.11
N LEU A 310 -15.17 -7.06 -9.47
CA LEU A 310 -13.92 -7.25 -10.18
C LEU A 310 -13.49 -8.71 -10.21
N ASN A 311 -14.26 -9.55 -9.56
CA ASN A 311 -13.90 -10.96 -9.48
C ASN A 311 -12.54 -11.13 -8.85
N TRP A 312 -12.22 -10.31 -7.87
CA TRP A 312 -10.95 -10.36 -7.18
C TRP A 312 -11.13 -10.73 -5.73
N ARG A 313 -10.23 -11.58 -5.23
CA ARG A 313 -10.22 -11.95 -3.84
C ARG A 313 -8.82 -12.38 -3.49
N VAL A 314 -8.49 -12.34 -2.21
CA VAL A 314 -7.15 -12.76 -1.87
C VAL A 314 -6.99 -14.26 -2.02
N THR A 315 -5.78 -14.70 -2.32
CA THR A 315 -5.49 -16.13 -2.43
C THR A 315 -4.35 -16.60 -1.54
N ARG A 316 -3.50 -15.69 -1.01
CA ARG A 316 -2.38 -16.09 -0.16
C ARG A 316 -2.83 -16.14 1.27
N THR A 317 -2.26 -17.02 2.10
CA THR A 317 -2.70 -17.07 3.49
C THR A 317 -1.78 -16.32 4.42
N LEU A 318 -2.23 -16.28 5.68
CA LEU A 318 -1.43 -15.65 6.72
C LEU A 318 -0.05 -16.33 6.81
N ASP A 319 -0.02 -17.69 6.76
CA ASP A 319 1.28 -18.36 6.84
C ASP A 319 2.19 -17.96 5.70
N GLU A 320 1.62 -17.85 4.51
CA GLU A 320 2.39 -17.42 3.34
C GLU A 320 2.95 -16.01 3.55
N MET A 321 2.10 -15.14 4.10
CA MET A 321 2.57 -13.78 4.34
C MET A 321 3.82 -13.82 5.22
N ALA A 322 3.75 -14.62 6.30
CA ALA A 322 4.86 -14.76 7.24
C ALA A 322 6.05 -15.43 6.59
N GLN A 323 5.79 -16.54 5.90
CA GLN A 323 6.86 -17.27 5.20
C GLN A 323 7.63 -16.44 4.17
N ASP A 324 6.85 -15.76 3.34
CA ASP A 324 7.45 -14.92 2.30
C ASP A 324 8.27 -13.75 2.87
N THR A 325 7.77 -13.21 3.98
CA THR A 325 8.47 -12.13 4.65
C THR A 325 9.82 -12.64 5.20
N TRP A 326 9.76 -13.80 5.84
CA TRP A 326 10.98 -14.39 6.41
C TRP A 326 12.01 -14.73 5.36
N HIS A 327 11.51 -15.25 4.24
CA HIS A 327 12.41 -15.64 3.15
C HIS A 327 13.17 -14.44 2.62
N TRP A 328 12.47 -13.31 2.43
CA TRP A 328 13.11 -12.10 1.95
C TRP A 328 14.05 -11.53 3.00
N GLN A 329 13.57 -11.50 4.24
CA GLN A 329 14.34 -10.94 5.34
C GLN A 329 15.65 -11.68 5.55
N SER A 330 15.52 -13.01 5.45
CA SER A 330 16.63 -13.92 5.64
C SER A 330 17.57 -13.95 4.45
N ARG A 331 17.05 -13.91 3.24
CA ARG A 331 17.93 -13.88 2.09
C ARG A 331 18.64 -12.52 1.93
N HIS A 332 17.97 -11.44 2.33
CA HIS A 332 18.54 -10.12 2.16
C HIS A 332 18.40 -9.30 3.40
N PRO A 333 19.23 -9.67 4.38
CA PRO A 333 19.24 -9.05 5.69
C PRO A 333 19.57 -7.55 5.69
N GLN A 334 20.24 -7.08 4.62
CA GLN A 334 20.58 -5.66 4.52
C GLN A 334 19.69 -4.97 3.49
N GLY A 335 18.66 -5.67 3.04
CA GLY A 335 17.74 -5.15 2.05
C GLY A 335 18.44 -4.93 0.73
N TYR A 336 17.99 -3.88 0.03
CA TYR A 336 18.54 -3.56 -1.26
C TYR A 336 19.83 -2.82 -1.06
N PRO A 337 20.78 -3.10 -1.92
CA PRO A 337 22.09 -2.50 -1.86
C PRO A 337 22.11 -1.05 -2.33
N ASP A 338 23.01 -0.32 -1.69
CA ASP A 338 23.30 1.09 -1.94
C ASP A 338 24.19 1.12 -3.20
#